data_7GT8
#
_entry.id   7GT8
#
_cell.length_a   90.405
_cell.length_b   90.405
_cell.length_c   107.109
_cell.angle_alpha   90.000
_cell.angle_beta   90.000
_cell.angle_gamma   120.000
#
_symmetry.space_group_name_H-M   'P 31 2 1'
#
loop_
_entity.id
_entity.type
_entity.pdbx_description
1 polymer 'Tyrosine-protein phosphatase non-receptor type 1'
2 non-polymer 2-AMINO-2-HYDROXYMETHYL-PROPANE-1,3-DIOL
3 non-polymer 5-chloranylthiophene-2-sulfonamide
4 water water
#
_entity_poly.entity_id   1
_entity_poly.type   'polypeptide(L)'
_entity_poly.pdbx_seq_one_letter_code
;MEMEKEFEQIDKSGSWAAIYQDIRHEASDFPSRVAKLPKNKNRNRYRDVSPFDHSRIKLHQEDNDYINASLIKMEEAQRS
YILTQGPLPNTVGHFWEMVWEQKSRGVVMLNRVMEKGSLKCAQYWPQKEEKEMIFEDTNLKLTLISEDIKSYYTVRQLEL
ENLTTQETREILHFHYTTWPDFGVPESPASFLNFLFKVRESGSLSPEHGPVVVHCSAGIGRSGTFCLADTCLLLMDKRKD
PSSVDIKKVLLEMRKFRMGLIQTADQLRFSYLAVIEGAKFIMGDSSVQDQWKELSHEDLEPPPEHIPPPPRPPKRILEPH
N
;
_entity_poly.pdbx_strand_id   A
#
loop_
_chem_comp.id
_chem_comp.type
_chem_comp.name
_chem_comp.formula
8K2 non-polymer 5-chloranylthiophene-2-sulfonamide 'C4 H4 Cl N O2 S2'
TRS non-polymer 2-AMINO-2-HYDROXYMETHYL-PROPANE-1,3-DIOL 'C4 H12 N O3 1'
#
# COMPACT_ATOMS: atom_id res chain seq x y z
N MET A 1 25.88 0.06 -9.82
CA MET A 1 26.46 -1.09 -9.05
C MET A 1 25.37 -2.14 -8.82
N GLU A 2 25.54 -3.34 -9.38
CA GLU A 2 24.65 -4.51 -9.11
C GLU A 2 24.23 -4.45 -7.63
N MET A 3 22.94 -4.55 -7.35
CA MET A 3 22.37 -4.36 -5.99
C MET A 3 22.74 -5.56 -5.09
N GLU A 4 22.83 -6.76 -5.66
CA GLU A 4 23.28 -8.00 -4.96
C GLU A 4 24.66 -7.81 -4.33
N LYS A 5 25.55 -7.05 -4.99
CA LYS A 5 26.93 -6.81 -4.50
C LYS A 5 26.87 -5.71 -3.44
N GLU A 6 26.20 -4.60 -3.75
CA GLU A 6 25.88 -3.52 -2.79
C GLU A 6 25.33 -4.15 -1.50
N PHE A 7 24.49 -5.18 -1.62
CA PHE A 7 23.77 -5.84 -0.50
C PHE A 7 24.78 -6.51 0.44
N GLU A 8 25.62 -7.36 -0.14
CA GLU A 8 26.68 -8.12 0.59
C GLU A 8 27.63 -7.13 1.25
N GLN A 9 27.99 -6.03 0.56
CA GLN A 9 28.89 -4.97 1.06
C GLN A 9 28.26 -4.29 2.29
N ILE A 10 26.98 -3.94 2.25
CA ILE A 10 26.28 -3.34 3.43
C ILE A 10 26.18 -4.39 4.54
N ASP A 11 25.89 -5.65 4.18
CA ASP A 11 25.66 -6.71 5.20
C ASP A 11 26.98 -6.98 5.94
N LYS A 12 28.07 -7.21 5.20
CA LYS A 12 29.39 -7.52 5.81
C LYS A 12 29.83 -6.33 6.69
N SER A 13 29.58 -5.09 6.25
CA SER A 13 29.97 -3.87 6.99
C SER A 13 28.97 -3.56 8.10
N GLY A 14 27.79 -4.21 8.10
CA GLY A 14 26.67 -3.89 9.02
C GLY A 14 26.36 -2.40 9.03
N SER A 15 26.11 -1.79 7.87
CA SER A 15 25.83 -0.34 7.78
C SER A 15 24.35 -0.06 7.43
N TRP A 16 23.44 -1.01 7.62
CA TRP A 16 22.02 -0.81 7.21
C TRP A 16 21.48 0.47 7.85
N ALA A 17 21.76 0.70 9.14
CA ALA A 17 21.27 1.87 9.90
C ALA A 17 21.74 3.18 9.25
N ALA A 18 23.00 3.22 8.80
CA ALA A 18 23.64 4.41 8.21
C ALA A 18 23.10 4.72 6.80
N ILE A 19 22.88 3.70 5.96
CA ILE A 19 22.17 3.86 4.65
C ILE A 19 20.77 4.44 4.91
N TYR A 20 20.03 3.84 5.83
CA TYR A 20 18.61 4.20 6.07
C TYR A 20 18.54 5.67 6.50
N GLN A 21 19.40 6.12 7.41
CA GLN A 21 19.41 7.53 7.89
C GLN A 21 19.79 8.49 6.76
N ASP A 22 20.66 8.10 5.83
CA ASP A 22 21.00 8.93 4.63
C ASP A 22 19.72 9.20 3.81
N ILE A 23 18.92 8.17 3.57
CA ILE A 23 17.59 8.31 2.91
C ILE A 23 16.70 9.29 3.66
N ARG A 24 16.55 9.10 4.98
CA ARG A 24 15.71 9.99 5.82
C ARG A 24 16.18 11.44 5.65
N HIS A 25 17.49 11.66 5.69
CA HIS A 25 18.11 12.99 5.54
C HIS A 25 17.79 13.61 4.16
N GLU A 26 17.80 12.85 3.06
CA GLU A 26 17.65 13.43 1.69
C GLU A 26 16.20 13.47 1.22
N ALA A 27 15.27 12.86 1.98
CA ALA A 27 13.85 12.71 1.58
C ALA A 27 13.21 14.08 1.45
N SER A 28 12.26 14.20 0.53
CA SER A 28 11.47 15.42 0.27
C SER A 28 10.67 15.87 1.49
N ASP A 29 10.46 17.18 1.59
CA ASP A 29 9.55 17.79 2.60
C ASP A 29 8.62 18.75 1.88
N PHE A 30 7.33 18.50 1.92
CA PHE A 30 6.28 19.30 1.27
C PHE A 30 5.22 19.60 2.31
N PRO A 31 4.44 20.68 2.13
CA PRO A 31 3.36 20.99 3.05
C PRO A 31 2.23 19.93 3.07
N SER A 32 1.69 19.68 4.27
CA SER A 32 0.51 18.86 4.63
C SER A 32 -0.52 19.71 5.36
N ARG A 33 -0.89 20.87 4.84
CA ARG A 33 -1.76 21.82 5.59
C ARG A 33 -3.18 21.24 5.74
N VAL A 34 -3.73 20.63 4.70
CA VAL A 34 -5.13 20.12 4.81
C VAL A 34 -5.21 19.07 5.94
N ALA A 35 -4.25 18.15 6.02
CA ALA A 35 -4.20 17.05 7.02
C ALA A 35 -4.22 17.62 8.44
N LYS A 36 -3.63 18.80 8.67
CA LYS A 36 -3.47 19.37 10.03
C LYS A 36 -4.62 20.32 10.38
N LEU A 37 -5.60 20.57 9.51
CA LEU A 37 -6.80 21.36 9.89
C LEU A 37 -7.50 20.68 11.08
N PRO A 38 -8.00 21.48 12.05
CA PRO A 38 -8.71 20.92 13.20
C PRO A 38 -9.94 20.07 12.84
N LYS A 39 -10.70 20.40 11.81
CA LYS A 39 -11.88 19.60 11.38
C LYS A 39 -11.44 18.17 10.97
N ASN A 40 -10.15 17.87 10.76
CA ASN A 40 -9.69 16.57 10.20
C ASN A 40 -8.96 15.74 11.25
N LYS A 41 -8.96 16.16 12.51
CA LYS A 41 -8.14 15.47 13.53
C LYS A 41 -8.59 14.00 13.70
N ASN A 42 -9.90 13.73 13.69
CA ASN A 42 -10.41 12.35 13.83
C ASN A 42 -10.36 11.60 12.48
N ARG A 43 -9.75 12.15 11.41
CA ARG A 43 -9.59 11.44 10.10
C ARG A 43 -8.18 10.88 9.98
N ASN A 44 -7.35 11.09 11.00
CA ASN A 44 -5.91 10.74 11.02
C ASN A 44 -5.65 9.77 12.16
N ARG A 45 -5.07 8.63 11.84
CA ARG A 45 -4.78 7.58 12.82
C ARG A 45 -3.54 8.01 13.62
N TYR A 46 -2.50 8.52 12.95
CA TYR A 46 -1.23 8.93 13.57
C TYR A 46 -0.96 10.42 13.26
N ARG A 47 -0.60 11.15 14.30
CA ARG A 47 -0.33 12.61 14.27
C ARG A 47 0.91 12.92 13.40
N ASP A 48 1.89 12.03 13.32
CA ASP A 48 3.13 12.24 12.54
C ASP A 48 3.07 11.61 11.11
N VAL A 49 1.92 11.13 10.63
CA VAL A 49 1.76 10.54 9.26
C VAL A 49 0.62 11.22 8.54
N SER A 50 0.96 12.08 7.58
CA SER A 50 0.02 12.92 6.81
C SER A 50 0.39 12.83 5.34
N PRO A 51 -0.63 12.94 4.48
CA PRO A 51 -0.41 13.06 3.03
C PRO A 51 -0.02 14.50 2.67
N PHE A 52 0.91 14.66 1.75
CA PHE A 52 1.29 15.98 1.17
C PHE A 52 0.07 16.55 0.47
N ASP A 53 -0.10 17.87 0.56
CA ASP A 53 -1.20 18.53 -0.20
C ASP A 53 -1.07 18.25 -1.70
N HIS A 54 0.12 18.28 -2.29
CA HIS A 54 0.22 18.22 -3.77
C HIS A 54 -0.28 16.85 -4.30
N SER A 55 -0.19 15.76 -3.53
CA SER A 55 -0.42 14.37 -4.00
C SER A 55 -1.62 13.71 -3.26
N ARG A 56 -2.35 14.43 -2.39
CA ARG A 56 -3.43 13.77 -1.58
C ARG A 56 -4.58 13.38 -2.54
N ILE A 57 -5.28 12.27 -2.22
CA ILE A 57 -6.56 11.92 -2.87
C ILE A 57 -7.67 12.79 -2.28
N LYS A 58 -8.45 13.42 -3.15
CA LYS A 58 -9.66 14.18 -2.74
C LYS A 58 -10.95 13.36 -2.92
N LEU A 59 -11.76 13.30 -1.89
CA LEU A 59 -13.14 12.78 -1.98
C LEU A 59 -14.03 13.72 -2.78
N HIS A 60 -14.95 13.19 -3.58
CA HIS A 60 -15.85 13.98 -4.47
C HIS A 60 -17.08 14.36 -3.67
N GLN A 61 -16.91 15.15 -2.62
CA GLN A 61 -18.04 15.81 -1.90
C GLN A 61 -17.59 17.20 -1.45
N GLU A 62 -18.56 18.12 -1.37
CA GLU A 62 -18.34 19.57 -1.12
C GLU A 62 -18.10 19.78 0.39
N ASP A 63 -18.76 18.99 1.24
CA ASP A 63 -18.66 19.01 2.72
C ASP A 63 -17.17 19.09 3.12
N ASN A 64 -16.49 17.94 3.12
CA ASN A 64 -15.07 17.77 3.54
C ASN A 64 -14.45 16.73 2.61
N ASP A 65 -13.44 17.11 1.81
CA ASP A 65 -12.89 16.24 0.73
C ASP A 65 -11.70 15.43 1.26
N TYR A 66 -11.44 15.45 2.57
CA TYR A 66 -10.16 14.96 3.14
C TYR A 66 -10.22 13.45 3.48
N ILE A 67 -9.16 12.73 3.06
CA ILE A 67 -8.81 11.36 3.50
C ILE A 67 -7.28 11.26 3.60
N ASN A 68 -6.80 10.46 4.54
CA ASN A 68 -5.36 10.18 4.70
C ASN A 68 -4.96 9.14 3.64
N ALA A 69 -4.73 9.61 2.40
CA ALA A 69 -4.34 8.80 1.23
C ALA A 69 -3.56 9.68 0.23
N SER A 70 -2.61 9.05 -0.47
CA SER A 70 -1.71 9.72 -1.44
C SER A 70 -1.64 8.91 -2.74
N LEU A 71 -1.59 9.61 -3.87
CA LEU A 71 -1.34 8.99 -5.20
C LEU A 71 0.15 8.96 -5.50
N ILE A 72 0.78 7.79 -5.51
CA ILE A 72 2.18 7.58 -5.94
C ILE A 72 2.16 7.29 -7.48
N LYS A 73 2.66 8.21 -8.34
CA LYS A 73 2.67 8.06 -9.80
C LYS A 73 4.12 7.82 -10.31
N MET A 74 4.43 6.61 -10.76
CA MET A 74 5.82 6.25 -11.18
C MET A 74 5.86 6.35 -12.72
N GLU A 75 6.44 7.43 -13.22
CA GLU A 75 6.34 7.86 -14.64
C GLU A 75 7.03 6.85 -15.55
N GLU A 76 8.28 6.52 -15.28
CA GLU A 76 9.05 5.56 -16.12
C GLU A 76 8.50 4.13 -16.04
N ALA A 77 8.14 3.63 -14.84
CA ALA A 77 7.57 2.29 -14.68
C ALA A 77 6.14 2.24 -15.25
N GLN A 78 5.44 3.37 -15.41
CA GLN A 78 4.01 3.41 -15.86
C GLN A 78 3.15 2.61 -14.86
N ARG A 79 3.33 2.85 -13.56
CA ARG A 79 2.43 2.32 -12.50
C ARG A 79 1.98 3.45 -11.59
N SER A 80 0.75 3.41 -11.12
CA SER A 80 0.18 4.27 -10.05
C SER A 80 -0.29 3.39 -8.87
N TYR A 81 -0.13 3.89 -7.65
CA TYR A 81 -0.63 3.27 -6.41
C TYR A 81 -1.23 4.35 -5.53
N ILE A 82 -2.33 4.02 -4.86
CA ILE A 82 -2.83 4.83 -3.73
C ILE A 82 -2.38 4.14 -2.46
N LEU A 83 -1.60 4.84 -1.62
CA LEU A 83 -1.20 4.38 -0.27
C LEU A 83 -2.03 5.11 0.77
N THR A 84 -2.68 4.38 1.71
CA THR A 84 -3.60 4.98 2.70
C THR A 84 -3.39 4.25 4.04
N GLN A 85 -3.89 4.84 5.08
CA GLN A 85 -3.83 4.26 6.44
C GLN A 85 -4.92 3.18 6.53
N GLY A 86 -4.80 2.26 7.48
CA GLY A 86 -5.93 1.41 7.88
C GLY A 86 -7.13 2.28 8.28
N PRO A 87 -8.33 2.02 7.72
CA PRO A 87 -9.47 2.83 8.05
C PRO A 87 -9.77 2.81 9.55
N LEU A 88 -10.27 3.97 10.00
CA LEU A 88 -10.79 4.22 11.34
C LEU A 88 -12.30 3.99 11.36
N PRO A 89 -12.88 3.80 12.57
CA PRO A 89 -14.32 3.69 12.74
C PRO A 89 -15.09 4.80 12.03
N ASN A 90 -14.59 6.02 12.07
CA ASN A 90 -15.35 7.11 11.36
C ASN A 90 -14.87 7.35 9.92
N THR A 91 -13.91 6.60 9.37
CA THR A 91 -13.49 6.80 7.96
C THR A 91 -13.77 5.56 7.10
N VAL A 92 -14.46 4.53 7.60
CA VAL A 92 -14.75 3.32 6.76
C VAL A 92 -15.57 3.75 5.52
N GLY A 93 -16.49 4.67 5.63
CA GLY A 93 -17.36 5.06 4.50
C GLY A 93 -16.56 5.88 3.48
N HIS A 94 -15.65 6.74 3.97
CA HIS A 94 -14.70 7.53 3.13
C HIS A 94 -13.85 6.58 2.31
N PHE A 95 -13.33 5.53 2.96
CA PHE A 95 -12.44 4.55 2.32
C PHE A 95 -13.14 3.96 1.08
N TRP A 96 -14.38 3.48 1.23
CA TRP A 96 -15.10 2.79 0.14
C TRP A 96 -15.55 3.84 -0.90
N GLU A 97 -15.84 5.06 -0.48
CA GLU A 97 -16.10 6.17 -1.42
C GLU A 97 -14.89 6.36 -2.35
N MET A 98 -13.67 6.39 -1.77
CA MET A 98 -12.42 6.58 -2.53
C MET A 98 -12.28 5.42 -3.52
N VAL A 99 -12.46 4.18 -3.07
CA VAL A 99 -12.35 2.98 -3.95
C VAL A 99 -13.29 3.14 -5.15
N TRP A 100 -14.52 3.59 -4.92
CA TRP A 100 -15.54 3.82 -5.97
C TRP A 100 -15.07 4.94 -6.92
N GLU A 101 -14.77 6.13 -6.38
CA GLU A 101 -14.44 7.34 -7.18
C GLU A 101 -13.18 7.15 -8.05
N GLN A 102 -12.17 6.46 -7.54
CA GLN A 102 -10.88 6.23 -8.22
C GLN A 102 -10.93 5.00 -9.14
N LYS A 103 -12.02 4.22 -9.15
CA LYS A 103 -12.26 3.04 -10.05
C LYS A 103 -11.26 1.92 -9.81
N SER A 104 -10.75 1.78 -8.59
CA SER A 104 -9.85 0.69 -8.21
C SER A 104 -10.56 -0.66 -8.39
N ARG A 105 -9.80 -1.65 -8.82
CA ARG A 105 -10.19 -3.06 -8.98
C ARG A 105 -9.82 -3.85 -7.71
N GLY A 106 -8.69 -3.53 -7.09
CA GLY A 106 -8.13 -4.27 -5.93
C GLY A 106 -7.83 -3.39 -4.74
N VAL A 107 -7.94 -3.99 -3.55
CA VAL A 107 -7.48 -3.47 -2.23
C VAL A 107 -6.44 -4.46 -1.75
N VAL A 108 -5.24 -3.99 -1.37
CA VAL A 108 -4.15 -4.80 -0.79
C VAL A 108 -3.99 -4.42 0.70
N MET A 109 -4.14 -5.41 1.59
CA MET A 109 -4.10 -5.24 3.07
C MET A 109 -2.94 -6.07 3.61
N LEU A 110 -2.00 -5.44 4.33
CA LEU A 110 -0.73 -6.08 4.73
C LEU A 110 -0.67 -6.23 6.27
N ASN A 111 -1.77 -5.98 6.96
CA ASN A 111 -1.81 -6.11 8.45
C ASN A 111 -3.01 -6.95 8.86
N ARG A 112 -3.03 -7.40 10.12
CA ARG A 112 -4.22 -8.02 10.79
C ARG A 112 -4.96 -6.91 11.54
N VAL A 113 -6.28 -7.06 11.69
CA VAL A 113 -7.15 -6.13 12.46
C VAL A 113 -6.59 -5.95 13.88
N MET A 114 -6.13 -7.03 14.52
CA MET A 114 -5.45 -6.94 15.83
C MET A 114 -4.02 -7.44 15.71
N GLU A 115 -3.06 -6.64 16.23
CA GLU A 115 -1.64 -7.08 16.34
C GLU A 115 -1.08 -6.53 17.66
N LYS A 116 -0.23 -7.32 18.33
CA LYS A 116 0.38 -6.89 19.62
C LYS A 116 -0.71 -6.57 20.66
N GLY A 117 -1.87 -7.21 20.58
CA GLY A 117 -3.00 -6.97 21.50
C GLY A 117 -3.74 -5.64 21.34
N SER A 118 -3.57 -4.88 20.25
CA SER A 118 -4.26 -3.58 19.99
C SER A 118 -4.88 -3.58 18.60
N LEU A 119 -5.90 -2.76 18.39
CA LEU A 119 -6.59 -2.66 17.09
C LEU A 119 -5.75 -1.79 16.13
N LYS A 120 -5.35 -2.35 14.99
CA LYS A 120 -4.52 -1.67 13.95
C LYS A 120 -5.39 -1.08 12.84
N CYS A 121 -6.63 -1.55 12.67
CA CYS A 121 -7.62 -0.95 11.73
C CYS A 121 -9.01 -1.55 11.95
N ALA A 122 -10.02 -0.86 11.48
CA ALA A 122 -11.44 -1.23 11.67
C ALA A 122 -11.72 -2.49 10.85
N GLN A 123 -12.73 -3.27 11.26
CA GLN A 123 -13.25 -4.43 10.51
C GLN A 123 -14.11 -3.81 9.39
N TYR A 124 -13.53 -3.50 8.22
CA TYR A 124 -14.15 -2.64 7.20
C TYR A 124 -14.82 -3.44 6.07
N TRP A 125 -14.78 -4.78 6.13
CA TRP A 125 -15.42 -5.67 5.12
C TRP A 125 -16.26 -6.75 5.83
N PRO A 126 -17.31 -7.26 5.15
CA PRO A 126 -18.22 -8.27 5.75
C PRO A 126 -17.57 -9.66 5.82
N GLN A 127 -17.85 -10.37 6.89
CA GLN A 127 -17.21 -11.68 7.18
C GLN A 127 -18.16 -12.83 6.78
N LYS A 128 -19.44 -12.54 6.56
CA LYS A 128 -20.43 -13.58 6.16
C LYS A 128 -21.24 -13.11 4.98
N GLU A 129 -21.48 -14.01 4.01
CA GLU A 129 -22.25 -13.71 2.77
C GLU A 129 -23.55 -12.99 3.13
N GLU A 130 -24.25 -13.54 4.11
CA GLU A 130 -25.66 -13.09 4.36
C GLU A 130 -25.71 -11.87 5.29
N LYS A 131 -24.58 -11.33 5.75
CA LYS A 131 -24.58 -10.10 6.61
C LYS A 131 -23.79 -8.97 5.91
N GLU A 132 -24.42 -8.29 4.98
CA GLU A 132 -23.76 -7.24 4.17
C GLU A 132 -23.56 -5.98 5.05
N MET A 133 -22.75 -5.02 4.57
CA MET A 133 -22.50 -3.75 5.31
C MET A 133 -23.08 -2.62 4.46
N ILE A 134 -23.67 -1.66 5.14
CA ILE A 134 -24.17 -0.42 4.51
C ILE A 134 -23.46 0.77 5.19
N PHE A 135 -22.91 1.66 4.39
CA PHE A 135 -22.21 2.89 4.86
C PHE A 135 -23.12 4.05 4.52
N GLU A 136 -23.89 4.50 5.51
CA GLU A 136 -25.01 5.46 5.28
C GLU A 136 -24.45 6.82 4.91
N ASP A 137 -23.31 7.21 5.51
CA ASP A 137 -22.68 8.54 5.28
C ASP A 137 -22.29 8.66 3.78
N THR A 138 -21.87 7.60 3.07
CA THR A 138 -21.44 7.65 1.64
C THR A 138 -22.37 6.86 0.70
N ASN A 139 -23.46 6.28 1.22
CA ASN A 139 -24.51 5.64 0.37
C ASN A 139 -23.94 4.49 -0.46
N LEU A 140 -23.17 3.59 0.17
CA LEU A 140 -22.58 2.40 -0.50
C LEU A 140 -23.03 1.12 0.24
N LYS A 141 -23.09 -0.01 -0.49
CA LYS A 141 -23.38 -1.34 0.11
C LYS A 141 -22.26 -2.29 -0.30
N LEU A 142 -21.82 -3.12 0.64
CA LEU A 142 -20.67 -4.02 0.45
C LEU A 142 -21.11 -5.44 0.86
N THR A 143 -20.92 -6.41 -0.03
CA THR A 143 -21.32 -7.83 0.15
C THR A 143 -20.16 -8.78 -0.07
N LEU A 144 -19.93 -9.70 0.86
CA LEU A 144 -18.95 -10.79 0.63
C LEU A 144 -19.58 -11.80 -0.36
N ILE A 145 -18.87 -12.09 -1.44
CA ILE A 145 -19.35 -12.99 -2.54
C ILE A 145 -18.64 -14.33 -2.41
N SER A 146 -17.31 -14.34 -2.26
CA SER A 146 -16.45 -15.55 -2.24
C SER A 146 -15.23 -15.33 -1.35
N GLU A 147 -14.66 -16.42 -0.82
CA GLU A 147 -13.53 -16.41 0.14
C GLU A 147 -12.56 -17.54 -0.24
N ASP A 148 -11.26 -17.26 -0.38
CA ASP A 148 -10.27 -18.34 -0.66
C ASP A 148 -9.11 -18.14 0.32
N ILE A 149 -9.01 -18.99 1.34
CA ILE A 149 -8.07 -18.85 2.50
C ILE A 149 -6.90 -19.78 2.27
N LYS A 150 -5.69 -19.23 2.14
CA LYS A 150 -4.45 -20.02 1.93
C LYS A 150 -3.57 -19.81 3.15
N SER A 151 -2.38 -20.37 3.14
CA SER A 151 -1.49 -20.40 4.33
C SER A 151 -0.92 -19.01 4.63
N TYR A 152 -0.62 -18.20 3.61
CA TYR A 152 0.11 -16.91 3.79
C TYR A 152 -0.80 -15.72 3.45
N TYR A 153 -1.93 -15.95 2.78
CA TYR A 153 -2.85 -14.87 2.34
C TYR A 153 -4.23 -15.46 2.08
N THR A 154 -5.20 -14.57 2.09
CA THR A 154 -6.62 -14.79 1.75
C THR A 154 -7.02 -13.86 0.60
N VAL A 155 -7.74 -14.36 -0.39
CA VAL A 155 -8.35 -13.55 -1.46
C VAL A 155 -9.86 -13.61 -1.31
N ARG A 156 -10.47 -12.45 -1.28
CA ARG A 156 -11.94 -12.30 -1.19
C ARG A 156 -12.47 -11.56 -2.42
N GLN A 157 -13.63 -12.02 -2.90
CA GLN A 157 -14.41 -11.34 -3.96
C GLN A 157 -15.55 -10.56 -3.28
N LEU A 158 -15.57 -9.24 -3.46
CA LEU A 158 -16.56 -8.36 -2.82
C LEU A 158 -17.36 -7.71 -3.93
N GLU A 159 -18.60 -7.32 -3.61
CA GLU A 159 -19.51 -6.56 -4.49
C GLU A 159 -19.80 -5.20 -3.83
N LEU A 160 -19.39 -4.11 -4.50
CA LEU A 160 -19.59 -2.74 -4.01
C LEU A 160 -20.68 -2.13 -4.89
N GLU A 161 -21.72 -1.64 -4.24
CA GLU A 161 -22.91 -1.09 -4.91
C GLU A 161 -23.05 0.38 -4.52
N ASN A 162 -23.09 1.23 -5.54
CA ASN A 162 -23.40 2.67 -5.38
C ASN A 162 -24.93 2.80 -5.28
N LEU A 163 -25.44 2.94 -4.05
CA LEU A 163 -26.92 2.88 -3.79
C LEU A 163 -27.65 4.05 -4.45
N THR A 164 -26.90 5.08 -4.88
CA THR A 164 -27.45 6.30 -5.55
C THR A 164 -27.85 5.96 -6.99
N THR A 165 -27.05 5.15 -7.70
CA THR A 165 -27.20 4.83 -9.14
C THR A 165 -27.49 3.35 -9.38
N GLN A 166 -27.26 2.50 -8.36
CA GLN A 166 -27.51 1.02 -8.42
C GLN A 166 -26.51 0.35 -9.36
N GLU A 167 -25.43 1.05 -9.76
CA GLU A 167 -24.26 0.36 -10.37
C GLU A 167 -23.58 -0.51 -9.30
N THR A 168 -22.98 -1.61 -9.71
CA THR A 168 -22.18 -2.54 -8.88
C THR A 168 -20.86 -2.78 -9.58
N ARG A 169 -19.83 -3.06 -8.80
CA ARG A 169 -18.51 -3.48 -9.31
C ARG A 169 -17.99 -4.60 -8.43
N GLU A 170 -17.17 -5.48 -9.02
CA GLU A 170 -16.41 -6.55 -8.32
C GLU A 170 -15.06 -6.00 -7.86
N ILE A 171 -14.83 -5.98 -6.54
CA ILE A 171 -13.54 -5.54 -5.92
C ILE A 171 -12.88 -6.80 -5.39
N LEU A 172 -11.61 -7.03 -5.70
CA LEU A 172 -10.78 -8.09 -5.12
C LEU A 172 -10.02 -7.56 -3.87
N HIS A 173 -10.15 -8.24 -2.74
CA HIS A 173 -9.42 -7.99 -1.46
C HIS A 173 -8.30 -9.00 -1.32
N PHE A 174 -7.04 -8.52 -1.37
CA PHE A 174 -5.83 -9.34 -1.22
C PHE A 174 -5.29 -9.05 0.18
N HIS A 175 -5.38 -10.04 1.07
CA HIS A 175 -5.06 -9.87 2.50
C HIS A 175 -3.85 -10.69 2.82
N TYR A 176 -2.67 -10.07 3.02
CA TYR A 176 -1.47 -10.81 3.45
C TYR A 176 -1.55 -10.97 4.99
N THR A 177 -1.61 -12.20 5.50
CA THR A 177 -2.08 -12.46 6.90
C THR A 177 -0.92 -12.88 7.82
N THR A 178 0.30 -13.04 7.33
CA THR A 178 1.40 -13.67 8.11
C THR A 178 2.60 -12.74 8.31
N TRP A 179 2.51 -11.43 8.05
CA TRP A 179 3.62 -10.53 8.42
C TRP A 179 3.76 -10.60 9.95
N PRO A 180 4.96 -10.85 10.52
CA PRO A 180 5.06 -11.02 11.98
C PRO A 180 4.82 -9.71 12.76
N ASP A 181 4.35 -9.84 13.99
CA ASP A 181 4.07 -8.73 14.95
C ASP A 181 5.31 -7.84 15.12
N PHE A 182 6.53 -8.40 15.15
CA PHE A 182 7.83 -7.65 15.25
C PHE A 182 8.74 -8.04 14.08
N GLY A 183 9.58 -7.10 13.64
CA GLY A 183 10.55 -7.38 12.56
C GLY A 183 9.88 -7.57 11.20
N VAL A 184 10.53 -8.35 10.32
CA VAL A 184 10.13 -8.57 8.91
C VAL A 184 10.20 -10.06 8.65
N PRO A 185 9.57 -10.62 7.60
CA PRO A 185 9.71 -12.04 7.33
C PRO A 185 11.17 -12.43 7.13
N GLU A 186 11.49 -13.68 7.45
CA GLU A 186 12.87 -14.21 7.34
C GLU A 186 13.22 -14.41 5.87
N SER A 187 12.27 -14.92 5.08
CA SER A 187 12.35 -15.13 3.61
C SER A 187 11.28 -14.29 2.90
N PRO A 188 11.60 -13.69 1.73
CA PRO A 188 10.63 -12.90 0.98
C PRO A 188 9.78 -13.76 0.05
N ALA A 189 9.95 -15.07 0.11
CA ALA A 189 9.32 -15.99 -0.87
C ALA A 189 7.80 -15.81 -0.86
N SER A 190 7.17 -15.79 0.31
CA SER A 190 5.69 -15.74 0.40
C SER A 190 5.19 -14.33 0.04
N PHE A 191 5.92 -13.29 0.40
CA PHE A 191 5.59 -11.89 -0.01
C PHE A 191 5.64 -11.74 -1.54
N LEU A 192 6.68 -12.29 -2.21
CA LEU A 192 6.81 -12.25 -3.70
C LEU A 192 5.69 -13.06 -4.33
N ASN A 193 5.39 -14.27 -3.82
CA ASN A 193 4.23 -15.07 -4.28
C ASN A 193 2.95 -14.23 -4.22
N PHE A 194 2.75 -13.49 -3.12
CA PHE A 194 1.55 -12.66 -2.93
C PHE A 194 1.51 -11.57 -4.00
N LEU A 195 2.64 -10.88 -4.19
CA LEU A 195 2.73 -9.78 -5.21
C LEU A 195 2.32 -10.31 -6.62
N PHE A 196 2.82 -11.47 -7.02
CA PHE A 196 2.51 -12.02 -8.37
C PHE A 196 1.04 -12.47 -8.44
N LYS A 197 0.42 -12.82 -7.31
CA LYS A 197 -1.06 -13.09 -7.29
C LYS A 197 -1.82 -11.79 -7.53
N VAL A 198 -1.38 -10.68 -6.92
CA VAL A 198 -2.05 -9.37 -7.18
C VAL A 198 -1.84 -9.03 -8.67
N ARG A 199 -0.61 -9.13 -9.17
CA ARG A 199 -0.35 -8.79 -10.61
C ARG A 199 -1.29 -9.60 -11.53
N GLU A 200 -1.36 -10.92 -11.35
CA GLU A 200 -2.14 -11.82 -12.24
C GLU A 200 -3.62 -11.46 -12.23
N SER A 201 -4.12 -10.81 -11.19
CA SER A 201 -5.55 -10.43 -11.08
C SER A 201 -5.92 -9.33 -12.09
N GLY A 202 -4.96 -8.56 -12.58
CA GLY A 202 -5.26 -7.32 -13.33
C GLY A 202 -5.41 -6.07 -12.45
N SER A 203 -5.33 -6.17 -11.11
CA SER A 203 -5.53 -5.03 -10.18
C SER A 203 -4.47 -3.92 -10.37
N LEU A 204 -3.27 -4.26 -10.89
CA LEU A 204 -2.13 -3.30 -11.02
C LEU A 204 -2.05 -2.72 -12.42
N SER A 205 -2.98 -3.08 -13.29
CA SER A 205 -2.90 -2.83 -14.75
C SER A 205 -3.60 -1.53 -15.12
N PRO A 206 -3.19 -0.87 -16.23
CA PRO A 206 -3.70 0.47 -16.56
C PRO A 206 -5.17 0.53 -17.04
N GLU A 207 -5.80 -0.59 -17.34
CA GLU A 207 -7.25 -0.56 -17.64
C GLU A 207 -8.11 -0.34 -16.38
N HIS A 208 -7.55 -0.30 -15.17
CA HIS A 208 -8.29 0.04 -13.95
C HIS A 208 -7.70 1.32 -13.35
N GLY A 209 -8.41 1.95 -12.44
CA GLY A 209 -7.82 2.90 -11.49
C GLY A 209 -6.74 2.25 -10.62
N PRO A 210 -5.97 3.10 -9.89
CA PRO A 210 -4.85 2.62 -9.08
C PRO A 210 -5.34 1.67 -8.00
N VAL A 211 -4.55 0.64 -7.77
CA VAL A 211 -4.70 -0.24 -6.58
C VAL A 211 -4.64 0.60 -5.28
N VAL A 212 -5.45 0.26 -4.27
CA VAL A 212 -5.44 0.89 -2.92
C VAL A 212 -4.63 -0.03 -2.03
N VAL A 213 -3.49 0.44 -1.48
CA VAL A 213 -2.65 -0.37 -0.56
C VAL A 213 -2.58 0.24 0.85
N HIS A 214 -2.69 -0.59 1.90
CA HIS A 214 -2.66 -0.11 3.29
C HIS A 214 -2.06 -1.14 4.25
N CYS A 215 -1.51 -0.63 5.35
CA CYS A 215 -1.14 -1.41 6.54
C CYS A 215 -1.79 -0.66 7.71
N SER A 216 -1.09 -0.43 8.82
CA SER A 216 -1.70 0.45 9.87
C SER A 216 -1.53 1.93 9.48
N ALA A 217 -0.28 2.39 9.30
CA ALA A 217 0.00 3.82 8.95
C ALA A 217 -0.03 4.06 7.44
N GLY A 218 0.17 3.03 6.61
CA GLY A 218 0.23 3.20 5.15
C GLY A 218 1.59 3.72 4.66
N ILE A 219 2.69 3.38 5.34
CA ILE A 219 4.04 3.84 4.91
C ILE A 219 5.06 2.72 4.97
N GLY A 220 4.95 1.76 5.92
CA GLY A 220 5.99 0.75 6.18
C GLY A 220 5.88 -0.45 5.25
N ARG A 221 5.10 -1.45 5.66
CA ARG A 221 4.76 -2.63 4.80
C ARG A 221 4.22 -2.14 3.44
N SER A 222 3.33 -1.17 3.42
CA SER A 222 2.77 -0.58 2.18
C SER A 222 3.91 -0.08 1.28
N GLY A 223 4.88 0.64 1.87
CA GLY A 223 6.07 1.11 1.15
C GLY A 223 6.85 -0.02 0.49
N THR A 224 7.06 -1.11 1.22
CA THR A 224 7.81 -2.30 0.76
C THR A 224 7.09 -2.90 -0.47
N PHE A 225 5.77 -3.02 -0.41
CA PHE A 225 4.97 -3.58 -1.51
C PHE A 225 5.24 -2.77 -2.81
N CYS A 226 5.03 -1.45 -2.80
CA CYS A 226 5.15 -0.68 -4.09
C CYS A 226 6.60 -0.50 -4.52
N LEU A 227 7.57 -0.39 -3.61
CA LEU A 227 9.01 -0.32 -3.97
C LEU A 227 9.43 -1.61 -4.71
N ALA A 228 9.05 -2.79 -4.22
CA ALA A 228 9.45 -4.06 -4.85
C ALA A 228 8.79 -4.16 -6.22
N ASP A 229 7.51 -3.86 -6.33
CA ASP A 229 6.77 -4.00 -7.61
C ASP A 229 7.48 -3.11 -8.66
N THR A 230 7.69 -1.83 -8.35
CA THR A 230 8.24 -0.83 -9.30
C THR A 230 9.67 -1.25 -9.67
N CYS A 231 10.47 -1.68 -8.71
CA CYS A 231 11.88 -2.05 -9.02
C CYS A 231 11.94 -3.23 -10.01
N LEU A 232 11.12 -4.26 -9.81
CA LEU A 232 11.08 -5.47 -10.68
C LEU A 232 10.58 -5.09 -12.08
N LEU A 233 9.62 -4.17 -12.17
CA LEU A 233 9.05 -3.69 -13.46
C LEU A 233 10.16 -3.01 -14.29
N LEU A 234 10.93 -2.10 -13.68
CA LEU A 234 11.99 -1.32 -14.38
C LEU A 234 13.15 -2.24 -14.80
N MET A 235 13.42 -3.30 -14.03
CA MET A 235 14.51 -4.27 -14.30
C MET A 235 14.19 -5.10 -15.55
N ASP A 236 12.91 -5.23 -15.92
CA ASP A 236 12.44 -5.97 -17.12
C ASP A 236 12.36 -5.03 -18.34
N LYS A 237 12.10 -3.74 -18.13
CA LYS A 237 11.88 -2.73 -19.19
C LYS A 237 13.25 -2.20 -19.68
N ARG A 238 14.23 -2.04 -18.78
CA ARG A 238 15.52 -1.35 -19.06
C ARG A 238 16.48 -2.34 -19.74
N LYS A 239 17.38 -1.81 -20.59
CA LYS A 239 18.39 -2.60 -21.32
C LYS A 239 19.43 -3.16 -20.32
N ASP A 240 19.74 -2.42 -19.25
CA ASP A 240 20.64 -2.90 -18.17
C ASP A 240 19.87 -2.90 -16.85
N PRO A 241 19.44 -4.08 -16.35
CA PRO A 241 18.72 -4.18 -15.08
C PRO A 241 19.57 -3.77 -13.87
N SER A 242 20.90 -3.85 -14.02
CA SER A 242 21.90 -3.41 -13.02
C SER A 242 21.86 -1.89 -12.84
N SER A 243 21.23 -1.14 -13.76
CA SER A 243 21.04 0.33 -13.58
C SER A 243 19.94 0.70 -12.57
N VAL A 244 19.17 -0.27 -12.08
CA VAL A 244 18.03 -0.03 -11.15
C VAL A 244 18.63 0.23 -9.77
N ASP A 245 18.45 1.45 -9.25
CA ASP A 245 19.03 1.86 -7.96
C ASP A 245 17.86 1.97 -6.96
N ILE A 246 17.74 1.01 -6.06
CA ILE A 246 16.52 0.91 -5.20
C ILE A 246 16.43 2.16 -4.31
N LYS A 247 17.56 2.69 -3.85
CA LYS A 247 17.60 3.90 -3.01
C LYS A 247 17.04 5.11 -3.79
N LYS A 248 17.38 5.23 -5.08
CA LYS A 248 16.85 6.33 -5.92
C LYS A 248 15.37 6.14 -6.21
N VAL A 249 14.92 4.90 -6.38
CA VAL A 249 13.47 4.65 -6.59
C VAL A 249 12.70 5.07 -5.33
N LEU A 250 13.19 4.65 -4.16
CA LEU A 250 12.59 5.01 -2.85
C LEU A 250 12.51 6.54 -2.69
N LEU A 251 13.58 7.28 -2.99
CA LEU A 251 13.52 8.77 -2.86
C LEU A 251 12.51 9.36 -3.84
N GLU A 252 12.44 8.85 -5.06
CA GLU A 252 11.38 9.30 -5.99
C GLU A 252 9.97 9.06 -5.36
N MET A 253 9.74 7.91 -4.77
CA MET A 253 8.39 7.55 -4.23
C MET A 253 8.12 8.46 -3.02
N ARG A 254 9.16 8.78 -2.23
CA ARG A 254 9.02 9.66 -1.05
C ARG A 254 8.73 11.11 -1.46
N LYS A 255 8.79 11.45 -2.73
CA LYS A 255 8.24 12.77 -3.16
C LYS A 255 6.72 12.81 -3.05
N PHE A 256 6.04 11.63 -3.02
CA PHE A 256 4.57 11.58 -3.08
C PHE A 256 3.92 11.25 -1.73
N ARG A 257 4.62 10.54 -0.85
CA ARG A 257 4.18 10.24 0.53
C ARG A 257 5.40 10.15 1.43
N MET A 258 5.32 10.76 2.62
CA MET A 258 6.40 10.80 3.64
C MET A 258 6.58 9.42 4.29
N GLY A 259 7.81 9.10 4.66
CA GLY A 259 8.13 8.01 5.62
C GLY A 259 8.12 6.60 5.05
N LEU A 260 7.99 6.44 3.72
CA LEU A 260 7.86 5.11 3.08
C LEU A 260 9.11 4.31 3.41
N ILE A 261 8.93 3.13 4.00
CA ILE A 261 9.97 2.27 4.61
C ILE A 261 10.34 2.86 5.97
N GLN A 262 9.91 2.19 7.04
CA GLN A 262 9.89 2.78 8.42
C GLN A 262 11.16 2.44 9.22
N THR A 263 11.90 1.40 8.83
CA THR A 263 13.06 0.87 9.58
C THR A 263 14.13 0.36 8.61
N ALA A 264 15.34 0.16 9.14
CA ALA A 264 16.52 -0.36 8.39
C ALA A 264 16.30 -1.83 8.06
N ASP A 265 15.56 -2.58 8.89
CA ASP A 265 15.17 -3.98 8.58
C ASP A 265 14.21 -4.06 7.39
N GLN A 266 13.23 -3.15 7.29
CA GLN A 266 12.31 -3.07 6.12
C GLN A 266 13.11 -2.70 4.85
N LEU A 267 14.12 -1.82 4.96
CA LEU A 267 14.97 -1.46 3.80
C LEU A 267 15.73 -2.71 3.34
N ARG A 268 16.32 -3.48 4.27
CA ARG A 268 17.08 -4.71 3.93
C ARG A 268 16.14 -5.75 3.33
N PHE A 269 14.94 -5.92 3.91
CA PHE A 269 13.91 -6.85 3.38
C PHE A 269 13.55 -6.46 1.93
N SER A 270 13.44 -5.15 1.62
CA SER A 270 13.10 -4.66 0.26
C SER A 270 14.18 -5.10 -0.74
N TYR A 271 15.45 -4.88 -0.41
CA TYR A 271 16.59 -5.38 -1.20
C TYR A 271 16.42 -6.88 -1.50
N LEU A 272 16.15 -7.67 -0.45
CA LEU A 272 16.00 -9.15 -0.51
C LEU A 272 14.89 -9.54 -1.50
N ALA A 273 13.69 -8.99 -1.32
CA ALA A 273 12.51 -9.30 -2.17
C ALA A 273 12.84 -9.02 -3.64
N VAL A 274 13.42 -7.86 -3.93
CA VAL A 274 13.78 -7.45 -5.33
C VAL A 274 14.88 -8.39 -5.83
N ILE A 275 15.90 -8.65 -4.99
CA ILE A 275 17.07 -9.53 -5.31
C ILE A 275 16.57 -10.93 -5.67
N GLU A 276 15.62 -11.47 -4.91
CA GLU A 276 15.07 -12.84 -5.12
C GLU A 276 14.05 -12.83 -6.26
N GLY A 277 13.12 -11.87 -6.25
CA GLY A 277 12.12 -11.69 -7.31
C GLY A 277 12.76 -11.74 -8.69
N ALA A 278 13.79 -10.91 -8.92
CA ALA A 278 14.54 -10.82 -10.20
C ALA A 278 15.19 -12.17 -10.51
N LYS A 279 15.73 -12.84 -9.48
CA LYS A 279 16.51 -14.10 -9.62
C LYS A 279 15.57 -15.30 -9.80
N PHE A 280 14.24 -15.10 -9.76
CA PHE A 280 13.21 -16.16 -9.97
C PHE A 280 12.60 -16.05 -11.37
N ILE A 281 12.36 -14.82 -11.84
CA ILE A 281 11.82 -14.54 -13.20
C ILE A 281 12.98 -14.23 -14.16
N MET A 282 14.24 -14.35 -13.72
CA MET A 282 15.45 -14.21 -14.58
C MET A 282 15.42 -15.30 -15.66
C TRS B . 0.90 17.06 -9.12
C1 TRS B . 1.76 16.54 -7.95
C2 TRS B . 1.59 16.86 -10.46
C3 TRS B . 0.58 18.53 -8.89
N TRS B . -0.42 16.33 -9.19
O1 TRS B . 1.59 15.15 -7.71
O2 TRS B . 2.72 17.71 -10.61
O3 TRS B . -0.20 18.73 -7.67
H11 TRS B . 1.52 17.03 -7.14
H12 TRS B . 2.70 16.72 -8.15
H21 TRS B . 0.94 17.05 -11.18
H22 TRS B . 1.86 15.92 -10.54
H31 TRS B . 0.07 18.88 -9.65
H32 TRS B . 1.41 19.04 -8.81
HN1 TRS B . -1.11 16.89 -9.38
HN2 TRS B . -0.60 15.92 -8.39
HN3 TRS B . -0.39 15.69 -9.83
HO1 TRS B . 2.04 14.80 -6.87
HO2 TRS B . 3.16 17.50 -11.46
HO3 TRS B . -0.60 18.01 -7.47
C2 8K2 C . -19.14 -10.95 -8.98
CL 8K2 C . -19.96 -8.60 -7.94
C3 8K2 C . -20.08 -10.25 -8.26
C1 8K2 C . -19.53 -12.35 -9.07
S1 8K2 C . -21.34 -11.33 -7.75
C 8K2 C . -20.70 -12.73 -8.46
S 8K2 C . -21.31 -14.37 -8.48
O 8K2 C . -22.03 -14.66 -9.67
O1 8K2 C . -20.28 -15.29 -8.15
N 8K2 C . -22.38 -14.40 -7.29
H3 8K2 C . -18.25 -10.54 -9.42
H2 8K2 C . -18.85 -12.97 -9.63
H1 8K2 C . -22.36 -13.85 -6.43
H 8K2 C . -23.35 -14.66 -7.37
#